data_7ZUN
#
_entry.id   7ZUN
#
_cell.length_a   95.090
_cell.length_b   95.090
_cell.length_c   80.181
_cell.angle_alpha   90.000
_cell.angle_beta   90.000
_cell.angle_gamma   120.000
#
_symmetry.space_group_name_H-M   'P 65'
#
loop_
_entity.id
_entity.type
_entity.pdbx_description
1 polymer 'Isoform 2 of Serine/threonine-protein kinase pim-1'
2 non-polymer (4~{S})-4-(2-azanylethyl)-6-phenyl-7-[3-(trifluoromethyloxy)phenyl]-3,4-dihydropyrrolo[1,2-a]pyrazin-1-ol
3 water water
#
_entity_poly.entity_id   1
_entity_poly.type   'polypeptide(L)'
_entity_poly.pdbx_seq_one_letter_code
;GPLLSKINSLAHLRAAPCNDLHATKLAPGKEKEPLESQYQVGPLLGSGGFGSVYSGIRVSDNLPVAIKHVEKDRISDWGE
LPNGTRVPMEVVLLKKVSSGFSGVIRLLDWFERPDSFVLILERPEPVQDLFDFITERGALQEELARSFFWQVLEAVRHCH
NCGVLHRDIKDENILIDLNRGELKLIDFGSGALLKDTVYTDFDGTRVYSPPEWIRYHRYHGRSAAVWSLGILLYDMVCGD
IPFEHDEEIIRGQVFFRQRVS(SEP)ECQHLIRWCLALRPSDRPTFEEIQNHPWMQDVLLPQETAEIHLHSLSPGPSK
;
_entity_poly.pdbx_strand_id   A
#
loop_
_chem_comp.id
_chem_comp.type
_chem_comp.name
_chem_comp.formula
JYO non-polymer (4~{S})-4-(2-azanylethyl)-6-phenyl-7-[3-(trifluoromethyloxy)phenyl]-3,4-dihydropyrrolo[1,2-a]pyrazin-1-ol 'C22 H20 F3 N3 O2'
#
# COMPACT_ATOMS: atom_id res chain seq x y z
N PRO A 34 22.29 -10.96 18.05
CA PRO A 34 20.93 -11.43 18.26
C PRO A 34 20.20 -11.78 16.95
N LEU A 35 20.26 -10.92 15.93
CA LEU A 35 19.48 -11.11 14.66
C LEU A 35 19.73 -12.53 14.13
N GLU A 36 20.99 -12.80 13.79
CA GLU A 36 21.46 -14.06 13.15
C GLU A 36 21.19 -15.24 14.10
N SER A 37 21.01 -14.97 15.40
CA SER A 37 20.70 -15.97 16.46
C SER A 37 19.21 -16.34 16.46
N GLN A 38 18.34 -15.46 15.95
CA GLN A 38 16.85 -15.66 16.01
C GLN A 38 16.30 -15.96 14.61
N TYR A 39 16.97 -15.47 13.55
CA TYR A 39 16.51 -15.56 12.15
C TYR A 39 17.59 -16.16 11.25
N GLN A 40 17.20 -17.22 10.53
CA GLN A 40 17.94 -17.83 9.40
C GLN A 40 17.64 -17.01 8.13
N VAL A 41 18.67 -16.40 7.56
CA VAL A 41 18.58 -15.52 6.35
C VAL A 41 18.66 -16.40 5.11
N GLY A 42 17.62 -16.35 4.26
CA GLY A 42 17.62 -16.96 2.92
C GLY A 42 18.10 -15.95 1.88
N PRO A 43 17.76 -16.15 0.58
CA PRO A 43 18.22 -15.24 -0.47
C PRO A 43 17.39 -13.95 -0.57
N LEU A 44 17.94 -12.98 -1.29
CA LEU A 44 17.22 -11.75 -1.74
C LEU A 44 15.84 -12.13 -2.27
N LEU A 45 14.83 -11.27 -2.06
CA LEU A 45 13.49 -11.36 -2.68
C LEU A 45 13.39 -10.33 -3.81
N GLY A 46 12.86 -10.73 -4.97
CA GLY A 46 12.64 -9.88 -6.15
C GLY A 46 13.95 -9.47 -6.82
N PHE A 50 16.58 -1.06 -5.58
CA PHE A 50 17.24 -0.23 -4.54
C PHE A 50 16.87 -0.70 -3.12
N GLY A 51 15.69 -1.32 -2.95
CA GLY A 51 15.25 -1.95 -1.69
C GLY A 51 15.96 -3.27 -1.42
N SER A 52 16.09 -3.64 -0.15
CA SER A 52 16.89 -4.82 0.30
C SER A 52 16.05 -5.69 1.23
N VAL A 53 15.27 -6.60 0.64
CA VAL A 53 14.40 -7.52 1.42
C VAL A 53 14.85 -8.95 1.11
N TYR A 54 15.20 -9.70 2.16
CA TYR A 54 15.64 -11.12 2.05
C TYR A 54 14.55 -12.03 2.61
N SER A 55 14.44 -13.25 2.06
CA SER A 55 13.61 -14.32 2.65
C SER A 55 14.28 -14.74 3.95
N GLY A 56 13.46 -15.14 4.93
CA GLY A 56 13.94 -15.50 6.27
C GLY A 56 13.01 -16.51 6.91
N ILE A 57 13.53 -17.17 7.94
CA ILE A 57 12.78 -18.12 8.81
C ILE A 57 13.13 -17.70 10.24
N ARG A 58 12.14 -17.67 11.13
CA ARG A 58 12.40 -17.50 12.58
C ARG A 58 12.76 -18.88 13.15
N VAL A 59 14.00 -19.04 13.63
CA VAL A 59 14.54 -20.38 14.05
C VAL A 59 13.69 -20.89 15.23
N SER A 60 13.10 -19.98 16.02
CA SER A 60 12.20 -20.32 17.15
C SER A 60 11.10 -21.30 16.72
N ASP A 61 10.22 -20.90 15.80
CA ASP A 61 9.01 -21.70 15.41
C ASP A 61 8.94 -21.93 13.89
N ASN A 62 10.02 -21.66 13.15
CA ASN A 62 10.07 -21.80 11.66
C ASN A 62 9.03 -20.88 11.00
N LEU A 63 8.71 -19.75 11.61
CA LEU A 63 7.75 -18.78 11.01
C LEU A 63 8.44 -18.10 9.84
N PRO A 64 7.83 -18.08 8.65
CA PRO A 64 8.38 -17.35 7.51
C PRO A 64 8.39 -15.84 7.82
N VAL A 65 9.53 -15.18 7.61
CA VAL A 65 9.63 -13.70 7.75
C VAL A 65 10.26 -13.12 6.49
N ALA A 66 10.22 -11.79 6.40
CA ALA A 66 10.97 -10.99 5.42
C ALA A 66 11.88 -10.07 6.24
N ILE A 67 13.13 -9.91 5.80
CA ILE A 67 14.17 -9.12 6.52
C ILE A 67 14.50 -7.91 5.66
N LYS A 68 13.98 -6.74 6.02
CA LYS A 68 14.24 -5.49 5.27
C LYS A 68 15.41 -4.76 5.93
N HIS A 69 16.43 -4.45 5.15
CA HIS A 69 17.61 -3.67 5.58
C HIS A 69 17.46 -2.26 5.02
N VAL A 70 17.74 -1.25 5.84
CA VAL A 70 17.70 0.19 5.47
C VAL A 70 18.98 0.80 6.02
N GLU A 71 19.81 1.41 5.16
CA GLU A 71 21.10 1.99 5.60
C GLU A 71 20.84 3.44 6.02
N LYS A 72 21.45 3.82 7.16
CA LYS A 72 21.21 5.09 7.88
C LYS A 72 21.47 6.30 6.96
N ASP A 73 22.52 6.21 6.14
CA ASP A 73 22.93 7.30 5.20
C ASP A 73 21.81 7.53 4.18
N ARG A 74 20.97 6.52 3.90
CA ARG A 74 19.91 6.57 2.85
C ARG A 74 18.58 7.06 3.44
N ILE A 75 18.45 7.14 4.78
CA ILE A 75 17.18 7.53 5.48
C ILE A 75 17.04 9.05 5.45
N SER A 76 15.90 9.54 4.95
CA SER A 76 15.53 10.99 4.90
C SER A 76 14.76 11.38 6.17
N ASP A 77 13.64 10.71 6.45
CA ASP A 77 12.75 11.03 7.60
C ASP A 77 13.10 10.11 8.78
N TRP A 78 13.48 10.72 9.92
CA TRP A 78 13.68 10.02 11.22
C TRP A 78 12.51 10.36 12.14
N GLY A 79 11.99 9.34 12.84
CA GLY A 79 11.06 9.52 13.96
C GLY A 79 11.78 9.29 15.26
N GLU A 80 11.02 9.07 16.34
CA GLU A 80 11.57 8.79 17.68
C GLU A 80 10.54 7.91 18.41
N LEU A 81 10.96 6.77 18.94
CA LEU A 81 10.05 5.85 19.69
C LEU A 81 9.74 6.51 21.03
N PRO A 82 8.68 6.07 21.76
CA PRO A 82 8.43 6.60 23.11
C PRO A 82 9.72 6.76 23.94
N ASN A 83 10.60 5.75 23.91
CA ASN A 83 11.90 5.72 24.64
C ASN A 83 12.84 6.83 24.13
N GLY A 84 12.38 7.68 23.20
CA GLY A 84 13.19 8.72 22.54
C GLY A 84 14.42 8.16 21.85
N THR A 85 14.35 6.95 21.28
CA THR A 85 15.45 6.37 20.45
C THR A 85 15.21 6.82 19.00
N ARG A 86 16.23 7.37 18.34
CA ARG A 86 16.12 7.81 16.93
C ARG A 86 16.07 6.55 16.06
N VAL A 87 14.95 6.34 15.35
CA VAL A 87 14.69 5.17 14.45
C VAL A 87 14.22 5.70 13.10
N PRO A 88 14.14 4.86 12.03
CA PRO A 88 13.52 5.28 10.78
C PRO A 88 12.00 5.42 10.97
N MET A 89 11.41 6.42 10.32
CA MET A 89 9.94 6.69 10.39
C MET A 89 9.16 5.40 10.18
N GLU A 90 9.67 4.50 9.33
CA GLU A 90 8.95 3.26 8.94
C GLU A 90 8.70 2.42 10.19
N VAL A 91 9.63 2.40 11.14
CA VAL A 91 9.53 1.61 12.40
C VAL A 91 8.38 2.20 13.21
N VAL A 92 8.39 3.54 13.35
CA VAL A 92 7.34 4.29 14.08
C VAL A 92 5.99 3.87 13.53
N LEU A 93 5.85 3.94 12.21
CA LEU A 93 4.56 3.81 11.49
C LEU A 93 4.09 2.37 11.66
N LEU A 94 4.99 1.42 11.43
CA LEU A 94 4.67 -0.03 11.51
C LEU A 94 4.31 -0.38 12.96
N LYS A 95 4.99 0.20 13.94
CA LYS A 95 4.67 -0.03 15.38
C LYS A 95 3.25 0.49 15.65
N LYS A 96 2.90 1.67 15.13
CA LYS A 96 1.57 2.29 15.37
C LYS A 96 0.44 1.49 14.70
N VAL A 97 0.71 0.76 13.60
CA VAL A 97 -0.38 0.06 12.85
C VAL A 97 -0.31 -1.46 13.09
N SER A 98 0.46 -1.91 14.10
CA SER A 98 0.73 -3.36 14.32
C SER A 98 -0.13 -3.90 15.47
N SER A 99 -1.15 -4.68 15.12
CA SER A 99 -2.18 -5.26 16.03
C SER A 99 -2.73 -6.54 15.38
N GLY A 100 -3.88 -7.04 15.84
CA GLY A 100 -4.58 -8.21 15.27
C GLY A 100 -4.76 -8.07 13.76
N PHE A 101 -5.05 -6.85 13.31
CA PHE A 101 -5.56 -6.53 11.94
C PHE A 101 -4.61 -7.06 10.85
N SER A 102 -5.18 -7.88 9.95
CA SER A 102 -4.43 -8.68 8.94
C SER A 102 -4.09 -7.83 7.71
N GLY A 103 -4.65 -6.60 7.62
CA GLY A 103 -4.64 -5.79 6.38
C GLY A 103 -3.33 -5.02 6.21
N VAL A 104 -2.52 -4.92 7.25
CA VAL A 104 -1.17 -4.31 7.20
C VAL A 104 -0.15 -5.37 7.61
N ILE A 105 1.00 -5.34 6.93
CA ILE A 105 2.15 -6.23 7.20
C ILE A 105 2.62 -5.98 8.63
N ARG A 106 2.71 -7.02 9.47
CA ARG A 106 3.13 -6.86 10.88
C ARG A 106 4.67 -6.74 10.91
N LEU A 107 5.18 -5.67 11.55
CA LEU A 107 6.59 -5.61 12.01
C LEU A 107 6.75 -6.52 13.24
N LEU A 108 7.41 -7.68 13.07
CA LEU A 108 7.65 -8.66 14.16
C LEU A 108 8.79 -8.19 15.06
N ASP A 109 9.79 -7.50 14.53
CA ASP A 109 10.95 -7.04 15.34
C ASP A 109 11.77 -6.09 14.49
N TRP A 110 12.72 -5.40 15.10
CA TRP A 110 13.67 -4.54 14.37
C TRP A 110 14.99 -4.49 15.16
N PHE A 111 16.07 -4.13 14.49
CA PHE A 111 17.44 -4.06 15.09
C PHE A 111 18.12 -2.79 14.60
N GLU A 112 18.95 -2.21 15.46
CA GLU A 112 19.92 -1.17 15.04
C GLU A 112 21.26 -1.86 14.78
N ARG A 113 21.97 -1.42 13.73
CA ARG A 113 23.36 -1.83 13.42
C ARG A 113 24.16 -0.55 13.27
N PRO A 114 25.52 -0.62 13.31
CA PRO A 114 26.33 0.58 13.13
C PRO A 114 25.79 1.47 12.00
N ASP A 115 25.60 0.91 10.80
CA ASP A 115 25.37 1.74 9.58
C ASP A 115 23.99 1.48 8.97
N SER A 116 23.20 0.58 9.56
CA SER A 116 21.87 0.15 9.03
C SER A 116 20.85 -0.12 10.14
N PHE A 117 19.58 -0.27 9.71
CA PHE A 117 18.45 -0.86 10.48
C PHE A 117 17.90 -2.07 9.73
N VAL A 118 17.32 -3.00 10.47
CA VAL A 118 16.84 -4.33 9.99
C VAL A 118 15.45 -4.55 10.57
N LEU A 119 14.46 -4.63 9.70
CA LEU A 119 13.04 -4.80 10.08
C LEU A 119 12.68 -6.26 9.80
N ILE A 120 12.15 -6.96 10.78
CA ILE A 120 11.58 -8.32 10.54
C ILE A 120 10.08 -8.12 10.27
N LEU A 121 9.64 -8.58 9.10
CA LEU A 121 8.24 -8.44 8.62
C LEU A 121 7.65 -9.84 8.49
N GLU A 122 6.34 -9.97 8.70
CA GLU A 122 5.63 -11.25 8.47
C GLU A 122 5.78 -11.55 6.97
N ARG A 123 5.77 -12.82 6.61
CA ARG A 123 5.77 -13.24 5.19
C ARG A 123 4.70 -14.31 5.01
N PRO A 124 3.57 -13.99 4.33
CA PRO A 124 2.64 -15.03 3.90
C PRO A 124 3.32 -16.02 2.94
N GLU A 125 2.79 -17.25 2.90
CA GLU A 125 3.31 -18.37 2.08
C GLU A 125 2.16 -19.34 1.79
N PRO A 126 1.73 -19.54 0.52
CA PRO A 126 2.25 -18.79 -0.63
C PRO A 126 1.78 -17.33 -0.65
N VAL A 127 2.30 -16.53 -1.59
CA VAL A 127 2.18 -15.05 -1.61
C VAL A 127 2.46 -14.56 -3.03
N GLN A 128 1.71 -13.56 -3.49
CA GLN A 128 2.06 -12.81 -4.72
C GLN A 128 1.72 -11.32 -4.54
N ASP A 129 2.60 -10.44 -4.99
CA ASP A 129 2.32 -8.98 -4.98
C ASP A 129 1.34 -8.70 -6.12
N LEU A 130 0.50 -7.68 -5.94
CA LEU A 130 -0.62 -7.36 -6.83
C LEU A 130 -0.09 -6.92 -8.19
N PHE A 131 1.12 -6.37 -8.24
CA PHE A 131 1.76 -5.99 -9.51
C PHE A 131 1.97 -7.25 -10.36
N ASP A 132 2.69 -8.24 -9.83
CA ASP A 132 2.94 -9.53 -10.54
C ASP A 132 1.59 -10.20 -10.86
N PHE A 133 0.64 -10.12 -9.95
CA PHE A 133 -0.68 -10.77 -10.10
C PHE A 133 -1.44 -10.16 -11.27
N ILE A 134 -1.46 -8.83 -11.38
CA ILE A 134 -2.18 -8.12 -12.49
C ILE A 134 -1.44 -8.40 -13.80
N THR A 135 -0.11 -8.40 -13.78
CA THR A 135 0.75 -8.69 -14.97
C THR A 135 0.40 -10.06 -15.54
N GLU A 136 0.23 -11.07 -14.68
CA GLU A 136 -0.03 -12.49 -15.07
C GLU A 136 -1.45 -12.61 -15.65
N ARG A 137 -2.45 -12.08 -14.92
CA ARG A 137 -3.88 -12.28 -15.24
C ARG A 137 -4.38 -11.20 -16.22
N GLY A 138 -3.67 -10.09 -16.37
CA GLY A 138 -4.23 -8.86 -16.97
C GLY A 138 -5.32 -8.26 -16.11
N ALA A 139 -6.16 -7.40 -16.68
CA ALA A 139 -7.35 -6.80 -16.03
C ALA A 139 -8.07 -7.85 -15.18
N LEU A 140 -8.32 -7.53 -13.90
CA LEU A 140 -9.12 -8.37 -12.98
C LEU A 140 -10.60 -8.16 -13.31
N GLN A 141 -11.41 -9.23 -13.19
CA GLN A 141 -12.87 -9.12 -13.16
C GLN A 141 -13.27 -8.15 -12.02
N GLU A 142 -14.37 -7.43 -12.23
CA GLU A 142 -14.87 -6.40 -11.27
C GLU A 142 -15.04 -7.01 -9.89
N GLU A 143 -15.61 -8.21 -9.81
CA GLU A 143 -15.92 -8.91 -8.53
C GLU A 143 -14.65 -8.99 -7.69
N LEU A 144 -13.56 -9.40 -8.32
CA LEU A 144 -12.26 -9.63 -7.63
C LEU A 144 -11.61 -8.27 -7.33
N ALA A 145 -11.68 -7.33 -8.27
CA ALA A 145 -11.19 -5.93 -8.12
C ALA A 145 -11.89 -5.29 -6.91
N ARG A 146 -13.20 -5.50 -6.81
CA ARG A 146 -14.06 -5.01 -5.69
C ARG A 146 -13.54 -5.59 -4.37
N SER A 147 -13.29 -6.89 -4.31
CA SER A 147 -12.88 -7.57 -3.05
C SER A 147 -11.50 -7.00 -2.65
N PHE A 148 -10.58 -6.96 -3.60
CA PHE A 148 -9.19 -6.47 -3.40
C PHE A 148 -9.22 -5.00 -2.93
N PHE A 149 -9.95 -4.17 -3.66
CA PHE A 149 -10.01 -2.71 -3.44
C PHE A 149 -10.65 -2.44 -2.08
N TRP A 150 -11.72 -3.15 -1.78
CA TRP A 150 -12.37 -3.08 -0.44
C TRP A 150 -11.30 -3.35 0.64
N GLN A 151 -10.53 -4.41 0.46
CA GLN A 151 -9.57 -4.84 1.51
C GLN A 151 -8.51 -3.76 1.65
N VAL A 152 -8.08 -3.16 0.55
CA VAL A 152 -7.08 -2.05 0.56
C VAL A 152 -7.68 -0.86 1.32
N LEU A 153 -8.93 -0.51 1.02
CA LEU A 153 -9.60 0.63 1.71
C LEU A 153 -9.63 0.35 3.21
N GLU A 154 -10.07 -0.85 3.63
CA GLU A 154 -10.09 -1.24 5.05
C GLU A 154 -8.69 -1.05 5.66
N ALA A 155 -7.65 -1.44 4.93
CA ALA A 155 -6.26 -1.38 5.43
C ALA A 155 -5.82 0.09 5.54
N VAL A 156 -6.12 0.90 4.52
CA VAL A 156 -5.73 2.35 4.53
C VAL A 156 -6.47 3.06 5.67
N ARG A 157 -7.74 2.77 5.85
CA ARG A 157 -8.57 3.30 6.97
C ARG A 157 -7.91 2.99 8.32
N HIS A 158 -7.49 1.74 8.53
CA HIS A 158 -6.80 1.29 9.76
C HIS A 158 -5.54 2.14 9.95
N CYS A 159 -4.77 2.33 8.90
CA CYS A 159 -3.53 3.14 8.99
C CYS A 159 -3.90 4.53 9.49
N HIS A 160 -4.87 5.17 8.83
CA HIS A 160 -5.37 6.53 9.18
C HIS A 160 -5.88 6.54 10.63
N ASN A 161 -6.63 5.51 11.04
CA ASN A 161 -7.18 5.40 12.41
C ASN A 161 -6.02 5.43 13.42
N CYS A 162 -4.86 4.86 13.09
CA CYS A 162 -3.70 4.73 14.00
C CYS A 162 -2.68 5.86 13.75
N GLY A 163 -3.09 6.92 13.04
CA GLY A 163 -2.27 8.14 12.84
C GLY A 163 -1.20 7.98 11.78
N VAL A 164 -1.35 7.00 10.88
CA VAL A 164 -0.31 6.69 9.84
C VAL A 164 -0.86 7.01 8.46
N LEU A 165 -0.08 7.73 7.65
CA LEU A 165 -0.34 7.94 6.20
C LEU A 165 0.74 7.20 5.38
N HIS A 166 0.31 6.27 4.54
CA HIS A 166 1.22 5.40 3.74
C HIS A 166 1.98 6.22 2.69
N ARG A 167 1.25 6.91 1.79
CA ARG A 167 1.81 7.83 0.75
C ARG A 167 2.44 7.08 -0.43
N ASP A 168 2.31 5.77 -0.52
CA ASP A 168 2.81 5.00 -1.69
C ASP A 168 1.91 3.80 -1.97
N ILE A 169 0.60 3.99 -1.84
CA ILE A 169 -0.41 2.97 -2.25
C ILE A 169 -0.22 2.72 -3.74
N LYS A 170 0.10 1.48 -4.10
CA LYS A 170 0.32 1.03 -5.50
C LYS A 170 0.31 -0.49 -5.51
N ASP A 171 0.14 -1.09 -6.69
CA ASP A 171 0.04 -2.57 -6.85
C ASP A 171 1.24 -3.25 -6.18
N GLU A 172 2.46 -2.71 -6.35
CA GLU A 172 3.73 -3.32 -5.86
C GLU A 172 3.75 -3.42 -4.32
N ASN A 173 3.02 -2.53 -3.65
CA ASN A 173 3.08 -2.38 -2.17
C ASN A 173 1.89 -3.11 -1.56
N ILE A 174 1.31 -4.04 -2.31
CA ILE A 174 0.19 -4.89 -1.82
C ILE A 174 0.57 -6.35 -2.07
N LEU A 175 0.62 -7.13 -0.99
CA LEU A 175 0.88 -8.59 -1.05
C LEU A 175 -0.47 -9.30 -0.96
N ILE A 176 -0.64 -10.38 -1.72
CA ILE A 176 -1.83 -11.26 -1.65
C ILE A 176 -1.46 -12.53 -0.88
N ASP A 177 -2.04 -12.74 0.29
CA ASP A 177 -2.02 -14.05 1.00
C ASP A 177 -2.96 -14.98 0.23
N LEU A 178 -2.43 -15.74 -0.73
CA LEU A 178 -3.19 -16.51 -1.76
C LEU A 178 -4.13 -17.53 -1.11
N ASN A 179 -3.76 -18.13 0.04
CA ASN A 179 -4.59 -19.17 0.69
C ASN A 179 -5.81 -18.52 1.33
N ARG A 180 -5.60 -17.40 2.04
CA ARG A 180 -6.67 -16.72 2.83
C ARG A 180 -7.41 -15.68 1.98
N GLY A 181 -6.90 -15.32 0.81
CA GLY A 181 -7.45 -14.26 -0.07
C GLY A 181 -7.38 -12.89 0.58
N GLU A 182 -6.38 -12.66 1.44
CA GLU A 182 -6.22 -11.42 2.22
C GLU A 182 -5.10 -10.57 1.62
N LEU A 183 -5.35 -9.28 1.37
CA LEU A 183 -4.31 -8.31 0.94
C LEU A 183 -3.65 -7.69 2.18
N LYS A 184 -2.38 -7.29 2.04
CA LYS A 184 -1.57 -6.67 3.13
C LYS A 184 -0.73 -5.53 2.54
N LEU A 185 -0.87 -4.33 3.10
CA LEU A 185 -0.03 -3.17 2.71
C LEU A 185 1.39 -3.44 3.19
N ILE A 186 2.37 -3.07 2.37
CA ILE A 186 3.81 -3.16 2.71
C ILE A 186 4.45 -1.83 2.32
N ASP A 187 5.68 -1.58 2.82
CA ASP A 187 6.55 -0.42 2.50
C ASP A 187 5.94 0.87 3.02
N PHE A 188 6.21 1.18 4.30
CA PHE A 188 5.84 2.47 4.92
C PHE A 188 7.08 3.37 4.91
N GLY A 189 8.03 3.09 4.02
CA GLY A 189 9.33 3.80 3.94
C GLY A 189 9.20 5.23 3.43
N SER A 190 8.13 5.54 2.70
CA SER A 190 7.76 6.92 2.23
C SER A 190 6.63 7.51 3.08
N GLY A 191 6.21 6.80 4.13
CA GLY A 191 5.05 7.20 4.95
C GLY A 191 5.33 8.44 5.81
N ALA A 192 4.33 8.88 6.56
CA ALA A 192 4.43 9.98 7.54
C ALA A 192 3.35 9.78 8.59
N LEU A 193 3.53 10.44 9.73
CA LEU A 193 2.42 10.63 10.69
C LEU A 193 1.26 11.31 9.95
N LEU A 194 0.04 10.78 10.10
CA LEU A 194 -1.14 11.48 9.52
C LEU A 194 -1.26 12.85 10.19
N LYS A 195 -1.41 13.91 9.39
CA LYS A 195 -1.77 15.25 9.91
C LYS A 195 -2.88 15.82 9.02
N ASP A 196 -3.67 16.74 9.56
CA ASP A 196 -4.85 17.32 8.87
C ASP A 196 -4.40 18.57 8.11
N THR A 197 -3.11 18.89 8.17
CA THR A 197 -2.51 20.11 7.55
C THR A 197 -1.78 19.71 6.26
N VAL A 198 -1.34 20.71 5.51
CA VAL A 198 -0.72 20.53 4.17
C VAL A 198 0.57 19.74 4.35
N TYR A 199 0.85 18.84 3.42
CA TYR A 199 2.15 18.16 3.24
C TYR A 199 2.89 18.87 2.11
N THR A 200 4.16 19.22 2.34
CA THR A 200 5.02 19.92 1.34
C THR A 200 6.20 19.04 0.92
N ASP A 201 6.33 17.83 1.49
CA ASP A 201 7.32 16.79 1.10
C ASP A 201 6.57 15.62 0.48
N PHE A 202 7.20 14.88 -0.43
CA PHE A 202 6.69 13.60 -1.00
C PHE A 202 7.84 12.84 -1.64
N ASP A 203 7.95 11.54 -1.31
CA ASP A 203 9.03 10.64 -1.79
C ASP A 203 8.40 9.34 -2.31
N GLY A 204 7.14 9.40 -2.73
CA GLY A 204 6.36 8.25 -3.24
C GLY A 204 6.46 8.15 -4.74
N THR A 205 5.59 7.38 -5.38
CA THR A 205 5.66 7.08 -6.84
C THR A 205 4.94 8.19 -7.62
N ARG A 206 5.65 8.87 -8.52
CA ARG A 206 5.13 10.08 -9.24
C ARG A 206 3.84 9.71 -9.98
N VAL A 207 3.83 8.64 -10.79
CA VAL A 207 2.67 8.26 -11.64
C VAL A 207 1.43 7.96 -10.79
N TYR A 208 1.59 7.79 -9.48
CA TYR A 208 0.49 7.62 -8.49
C TYR A 208 0.22 8.93 -7.73
N SER A 209 1.04 9.97 -7.93
CA SER A 209 0.93 11.27 -7.21
C SER A 209 -0.18 12.12 -7.82
N PRO A 210 -0.85 12.97 -7.00
CA PRO A 210 -2.00 13.73 -7.47
C PRO A 210 -1.63 15.05 -8.14
N PRO A 211 -2.54 15.64 -8.92
CA PRO A 211 -2.21 16.84 -9.69
C PRO A 211 -1.71 17.99 -8.80
N GLU A 212 -2.29 18.16 -7.61
CA GLU A 212 -1.95 19.25 -6.66
C GLU A 212 -0.47 19.13 -6.27
N TRP A 213 0.09 17.93 -6.20
CA TRP A 213 1.54 17.76 -5.91
C TRP A 213 2.37 18.14 -7.13
N ILE A 214 1.99 17.65 -8.31
CA ILE A 214 2.69 17.95 -9.60
C ILE A 214 2.78 19.48 -9.78
N ARG A 215 1.64 20.17 -9.71
CA ARG A 215 1.52 21.63 -9.96
C ARG A 215 2.13 22.43 -8.81
N TYR A 216 1.63 22.24 -7.58
CA TYR A 216 1.84 23.19 -6.44
C TYR A 216 2.73 22.59 -5.34
N HIS A 217 3.28 21.40 -5.50
CA HIS A 217 4.16 20.75 -4.49
C HIS A 217 3.52 20.82 -3.09
N ARG A 218 2.20 20.59 -3.01
CA ARG A 218 1.39 20.64 -1.76
C ARG A 218 0.25 19.61 -1.88
N TYR A 219 -0.11 18.92 -0.79
CA TYR A 219 -1.28 18.01 -0.74
C TYR A 219 -1.73 17.78 0.71
N HIS A 220 -2.97 17.35 0.89
CA HIS A 220 -3.49 16.82 2.18
C HIS A 220 -3.53 15.29 2.08
N GLY A 221 -3.25 14.60 3.19
CA GLY A 221 -2.98 13.14 3.19
C GLY A 221 -4.13 12.34 2.59
N ARG A 222 -5.34 12.58 3.08
CA ARG A 222 -6.51 11.70 2.80
C ARG A 222 -6.90 11.83 1.34
N SER A 223 -7.08 13.07 0.89
CA SER A 223 -7.46 13.41 -0.50
C SER A 223 -6.41 12.86 -1.48
N ALA A 224 -5.11 13.03 -1.21
CA ALA A 224 -4.01 12.45 -2.02
C ALA A 224 -4.13 10.93 -2.01
N ALA A 225 -4.41 10.31 -0.86
CA ALA A 225 -4.60 8.84 -0.73
C ALA A 225 -5.77 8.41 -1.61
N VAL A 226 -6.86 9.18 -1.64
CA VAL A 226 -8.01 8.82 -2.51
C VAL A 226 -7.55 8.89 -3.98
N TRP A 227 -6.74 9.86 -4.37
CA TRP A 227 -6.16 9.90 -5.74
C TRP A 227 -5.47 8.57 -6.06
N SER A 228 -4.56 8.12 -5.18
CA SER A 228 -3.70 6.94 -5.45
C SER A 228 -4.58 5.70 -5.57
N LEU A 229 -5.67 5.62 -4.81
CA LEU A 229 -6.62 4.48 -4.82
C LEU A 229 -7.40 4.50 -6.13
N GLY A 230 -7.64 5.68 -6.66
CA GLY A 230 -8.19 5.88 -8.01
C GLY A 230 -7.29 5.25 -9.05
N ILE A 231 -6.01 5.62 -9.05
CA ILE A 231 -4.97 5.02 -9.93
C ILE A 231 -4.99 3.49 -9.71
N LEU A 232 -5.04 3.05 -8.45
CA LEU A 232 -4.92 1.60 -8.11
C LEU A 232 -6.11 0.87 -8.72
N LEU A 233 -7.30 1.42 -8.55
CA LEU A 233 -8.55 0.76 -8.99
C LEU A 233 -8.55 0.70 -10.52
N TYR A 234 -8.19 1.80 -11.18
CA TYR A 234 -8.01 1.85 -12.64
C TYR A 234 -7.08 0.72 -13.05
N ASP A 235 -5.92 0.64 -12.40
CA ASP A 235 -4.89 -0.40 -12.68
C ASP A 235 -5.51 -1.81 -12.53
N MET A 236 -6.31 -2.04 -11.50
CA MET A 236 -6.93 -3.38 -11.24
C MET A 236 -7.86 -3.74 -12.39
N VAL A 237 -8.71 -2.82 -12.85
CA VAL A 237 -9.79 -3.15 -13.84
C VAL A 237 -9.27 -3.00 -15.27
N CYS A 238 -8.20 -2.24 -15.51
CA CYS A 238 -7.67 -1.97 -16.88
C CYS A 238 -6.33 -2.68 -17.13
N GLY A 239 -5.71 -3.24 -16.10
CA GLY A 239 -4.44 -3.98 -16.24
C GLY A 239 -3.28 -3.03 -16.47
N ASP A 240 -3.47 -1.74 -16.26
CA ASP A 240 -2.37 -0.75 -16.37
C ASP A 240 -2.82 0.56 -15.73
N ILE A 241 -1.87 1.41 -15.31
CA ILE A 241 -2.18 2.74 -14.72
C ILE A 241 -2.71 3.65 -15.82
N PRO A 242 -3.49 4.71 -15.51
CA PRO A 242 -4.08 5.54 -16.55
C PRO A 242 -3.15 6.66 -17.07
N PHE A 243 -2.14 7.07 -16.31
CA PHE A 243 -1.31 8.28 -16.60
C PHE A 243 0.18 7.93 -16.55
N GLU A 244 0.94 8.33 -17.58
CA GLU A 244 2.42 8.20 -17.64
C GLU A 244 3.07 9.55 -17.29
N HIS A 245 2.58 10.66 -17.87
CA HIS A 245 3.27 11.98 -17.85
C HIS A 245 2.53 12.96 -16.95
N ASP A 246 3.26 13.96 -16.44
CA ASP A 246 2.74 15.08 -15.60
C ASP A 246 1.49 15.69 -16.26
N GLU A 247 1.55 15.95 -17.56
CA GLU A 247 0.51 16.67 -18.33
C GLU A 247 -0.78 15.87 -18.26
N GLU A 248 -0.66 14.54 -18.39
CA GLU A 248 -1.80 13.57 -18.30
C GLU A 248 -2.41 13.63 -16.90
N ILE A 249 -1.57 13.63 -15.86
CA ILE A 249 -2.02 13.75 -14.44
C ILE A 249 -2.76 15.07 -14.27
N ILE A 250 -2.15 16.18 -14.69
CA ILE A 250 -2.69 17.56 -14.49
C ILE A 250 -4.03 17.72 -15.24
N ARG A 251 -4.18 17.05 -16.37
CA ARG A 251 -5.41 17.17 -17.21
C ARG A 251 -6.51 16.28 -16.60
N GLY A 252 -6.14 15.13 -16.06
CA GLY A 252 -7.04 14.24 -15.29
C GLY A 252 -8.15 13.64 -16.14
N GLN A 253 -7.94 13.53 -17.45
CA GLN A 253 -8.90 12.91 -18.39
C GLN A 253 -8.69 11.39 -18.35
N VAL A 254 -9.73 10.62 -18.11
CA VAL A 254 -9.58 9.15 -17.93
C VAL A 254 -10.20 8.43 -19.13
N PHE A 255 -9.35 7.80 -19.92
CA PHE A 255 -9.75 6.91 -21.04
C PHE A 255 -9.65 5.46 -20.52
N PHE A 256 -10.72 4.70 -20.64
CA PHE A 256 -10.78 3.25 -20.30
C PHE A 256 -10.38 2.43 -21.51
N ARG A 257 -9.34 1.62 -21.35
CA ARG A 257 -8.76 0.82 -22.45
C ARG A 257 -9.38 -0.59 -22.41
N GLN A 258 -10.18 -0.88 -21.37
CA GLN A 258 -10.91 -2.17 -21.17
C GLN A 258 -12.39 -1.90 -20.90
N ARG A 259 -13.22 -2.91 -21.12
CA ARG A 259 -14.64 -2.86 -20.72
C ARG A 259 -14.65 -2.78 -19.20
N VAL A 260 -15.18 -1.68 -18.67
CA VAL A 260 -15.33 -1.40 -17.21
C VAL A 260 -16.75 -0.89 -17.00
N SER A 261 -17.43 -1.36 -15.96
CA SER A 261 -18.86 -1.01 -15.70
C SER A 261 -18.97 0.50 -15.56
N SEP A 262 -20.18 1.03 -15.73
CA SEP A 262 -20.43 2.46 -15.60
CB SEP A 262 -21.83 2.78 -16.06
OG SEP A 262 -21.92 2.49 -17.48
C SEP A 262 -20.21 2.90 -14.14
O SEP A 262 -19.66 3.97 -13.91
P SEP A 262 -22.85 1.23 -17.99
O1P SEP A 262 -22.85 1.34 -19.52
O2P SEP A 262 -22.18 -0.07 -17.46
O3P SEP A 262 -24.21 1.46 -17.38
H SEP A 262 -20.95 0.42 -15.96
HA SEP A 262 -19.79 2.93 -16.17
HB2 SEP A 262 -22.02 3.74 -15.91
HB3 SEP A 262 -22.49 2.25 -15.57
N GLU A 263 -20.64 2.06 -13.19
CA GLU A 263 -20.54 2.40 -11.79
C GLU A 263 -19.06 2.46 -11.38
N CYS A 264 -18.24 1.54 -11.86
CA CYS A 264 -16.78 1.47 -11.54
C CYS A 264 -16.07 2.66 -12.21
N GLN A 265 -16.46 2.97 -13.45
CA GLN A 265 -15.94 4.16 -14.19
C GLN A 265 -16.19 5.40 -13.33
N HIS A 266 -17.41 5.53 -12.80
CA HIS A 266 -17.84 6.71 -12.00
C HIS A 266 -16.97 6.83 -10.74
N LEU A 267 -16.76 5.73 -10.03
CA LEU A 267 -16.00 5.71 -8.77
C LEU A 267 -14.56 6.12 -9.09
N ILE A 268 -13.99 5.58 -10.15
CA ILE A 268 -12.59 5.89 -10.55
C ILE A 268 -12.50 7.38 -10.89
N ARG A 269 -13.41 7.85 -11.74
CA ARG A 269 -13.43 9.26 -12.19
C ARG A 269 -13.55 10.15 -10.94
N TRP A 270 -14.35 9.73 -9.96
CA TRP A 270 -14.62 10.52 -8.73
C TRP A 270 -13.36 10.58 -7.86
N CYS A 271 -12.73 9.43 -7.61
CA CYS A 271 -11.43 9.35 -6.90
C CYS A 271 -10.40 10.24 -7.59
N LEU A 272 -10.52 10.38 -8.92
CA LEU A 272 -9.50 11.07 -9.74
C LEU A 272 -9.97 12.49 -10.11
N ALA A 273 -10.93 13.07 -9.39
CA ALA A 273 -11.25 14.52 -9.47
C ALA A 273 -9.97 15.37 -9.32
N LEU A 274 -9.76 16.34 -10.21
CA LEU A 274 -8.60 17.27 -10.17
C LEU A 274 -8.60 18.04 -8.85
N ARG A 275 -9.76 18.54 -8.43
CA ARG A 275 -9.89 19.31 -7.17
C ARG A 275 -9.97 18.32 -6.01
N PRO A 276 -8.99 18.34 -5.08
CA PRO A 276 -9.00 17.49 -3.89
C PRO A 276 -10.34 17.46 -3.14
N SER A 277 -10.88 18.66 -2.88
CA SER A 277 -12.19 18.84 -2.19
C SER A 277 -13.29 18.03 -2.89
N ASP A 278 -13.18 17.83 -4.22
CA ASP A 278 -14.19 17.08 -5.04
C ASP A 278 -13.99 15.57 -4.92
N ARG A 279 -12.89 15.12 -4.34
CA ARG A 279 -12.66 13.66 -4.22
C ARG A 279 -13.61 13.13 -3.16
N PRO A 280 -14.03 11.85 -3.28
CA PRO A 280 -14.82 11.21 -2.23
C PRO A 280 -13.97 11.01 -0.97
N THR A 281 -14.66 10.97 0.17
CA THR A 281 -14.08 10.50 1.46
C THR A 281 -14.06 8.97 1.39
N PHE A 282 -13.39 8.34 2.34
CA PHE A 282 -13.37 6.86 2.47
C PHE A 282 -14.80 6.35 2.64
N GLU A 283 -15.58 7.02 3.47
CA GLU A 283 -17.00 6.65 3.71
C GLU A 283 -17.74 6.66 2.38
N GLU A 284 -17.64 7.75 1.63
CA GLU A 284 -18.31 7.93 0.32
C GLU A 284 -17.88 6.84 -0.67
N ILE A 285 -16.60 6.43 -0.68
CA ILE A 285 -16.14 5.31 -1.57
C ILE A 285 -16.86 4.02 -1.18
N GLN A 286 -16.80 3.66 0.10
CA GLN A 286 -17.31 2.36 0.62
C GLN A 286 -18.83 2.32 0.56
N ASN A 287 -19.50 3.48 0.43
CA ASN A 287 -20.97 3.56 0.26
C ASN A 287 -21.36 3.65 -1.21
N HIS A 288 -20.39 3.84 -2.11
CA HIS A 288 -20.63 3.86 -3.58
C HIS A 288 -21.31 2.56 -4.01
N PRO A 289 -22.31 2.61 -4.91
CA PRO A 289 -22.95 1.39 -5.41
C PRO A 289 -21.98 0.32 -5.94
N TRP A 290 -20.83 0.71 -6.49
CA TRP A 290 -19.89 -0.29 -7.04
C TRP A 290 -19.31 -1.15 -5.90
N MET A 291 -19.23 -0.61 -4.67
CA MET A 291 -18.51 -1.24 -3.53
C MET A 291 -19.40 -2.21 -2.77
N GLN A 292 -20.67 -2.39 -3.16
CA GLN A 292 -21.67 -3.16 -2.37
C GLN A 292 -21.53 -4.66 -2.68
N ASP A 293 -21.92 -5.51 -1.72
CA ASP A 293 -21.92 -7.00 -1.87
C ASP A 293 -20.50 -7.49 -2.10
N VAL A 294 -19.53 -6.98 -1.35
CA VAL A 294 -18.12 -7.42 -1.48
C VAL A 294 -18.05 -8.87 -1.01
N LEU A 295 -17.18 -9.66 -1.66
CA LEU A 295 -16.87 -11.05 -1.25
C LEU A 295 -16.01 -11.03 -0.01
N LEU A 296 -16.16 -12.04 0.85
CA LEU A 296 -15.27 -12.27 2.01
C LEU A 296 -13.91 -12.69 1.45
N PRO A 297 -12.78 -12.42 2.13
CA PRO A 297 -11.48 -12.82 1.61
C PRO A 297 -11.44 -14.32 1.26
N GLN A 298 -11.98 -15.19 2.12
CA GLN A 298 -11.92 -16.67 1.94
C GLN A 298 -12.69 -17.00 0.65
N GLU A 299 -13.93 -16.49 0.52
CA GLU A 299 -14.77 -16.58 -0.71
C GLU A 299 -13.93 -16.18 -1.94
N THR A 300 -13.19 -15.07 -1.81
CA THR A 300 -12.39 -14.50 -2.92
C THR A 300 -11.30 -15.50 -3.32
N ALA A 301 -10.59 -16.05 -2.34
CA ALA A 301 -9.57 -17.10 -2.52
C ALA A 301 -10.15 -18.31 -3.27
N GLU A 302 -11.32 -18.81 -2.81
CA GLU A 302 -11.95 -20.07 -3.31
C GLU A 302 -12.30 -19.91 -4.80
N ILE A 303 -12.79 -18.73 -5.18
CA ILE A 303 -13.36 -18.45 -6.52
C ILE A 303 -12.24 -18.04 -7.47
N HIS A 304 -11.35 -17.12 -7.03
CA HIS A 304 -10.43 -16.40 -7.95
C HIS A 304 -8.98 -16.85 -7.76
N LEU A 305 -8.59 -17.39 -6.61
CA LEU A 305 -7.15 -17.60 -6.29
C LEU A 305 -6.79 -19.09 -6.31
N HIS A 306 -7.76 -19.99 -6.14
CA HIS A 306 -7.52 -21.46 -6.22
C HIS A 306 -8.84 -22.19 -6.51
C4 JYO B . 9.23 -4.21 1.06
C6 JYO B . 9.82 -3.86 -1.30
C7 JYO B . 10.83 -2.83 -0.78
C10 JYO B . 8.01 -7.57 1.86
C15 JYO B . 7.23 -7.47 3.02
C17 JYO B . 6.92 -9.86 3.07
C26 JYO B . 7.70 -7.50 -1.72
C1 JYO B . 8.95 -6.01 -0.14
C2 JYO B . 8.75 -5.14 1.95
C3 JYO B . 8.55 -6.31 1.27
C9 JYO B . 9.61 -2.83 1.34
C11 JYO B . 8.69 -3.01 -1.87
C12 JYO B . 7.85 -3.72 -2.90
C16 JYO B . 6.69 -8.62 3.61
C18 JYO B . 7.68 -9.96 1.93
C25 JYO B . 8.90 -6.96 -1.28
F24 JYO B . 7.69 -12.82 0.00
C21 JYO B . 7.17 -11.67 0.30
F22 JYO B . 7.27 -10.84 -0.71
F23 JYO B . 5.90 -11.87 0.61
O20 JYO B . 7.87 -11.18 1.42
C19 JYO B . 8.23 -8.84 1.31
O14 JYO B . 9.24 -2.22 2.47
N8 JYO B . 10.30 -2.24 0.45
N13 JYO B . 8.32 -3.42 -4.24
N5 JYO B . 9.34 -4.71 -0.17
C27 JYO B . 7.69 -8.41 -2.79
C28 JYO B . 8.87 -8.77 -3.43
C29 JYO B . 10.08 -8.24 -2.97
C30 JYO B . 10.10 -7.36 -1.89
H6 JYO B . 10.28 -4.47 -2.08
H72 JYO B . 11.01 -2.05 -1.53
H71 JYO B . 11.78 -3.32 -0.58
H15 JYO B . 7.04 -6.52 3.46
H17 JYO B . 6.49 -10.75 3.52
H26 JYO B . 6.77 -7.23 -1.24
H2 JYO B . 8.59 -4.97 3.02
H112 JYO B . 8.04 -2.68 -1.06
H111 JYO B . 9.09 -2.09 -2.33
H122 JYO B . 7.89 -4.79 -2.73
H121 JYO B . 6.81 -3.41 -2.81
H16 JYO B . 6.09 -8.53 4.51
H19 JYO B . 8.83 -8.95 0.42
HO14 JYO B . 9.59 -1.34 2.50
HN12 JYO B . 9.11 -2.81 -4.39
HN11 JYO B . 7.84 -3.82 -5.04
H27 JYO B . 6.74 -8.82 -3.14
H28 JYO B . 8.85 -9.47 -4.25
H29 JYO B . 11.01 -8.53 -3.45
H30 JYO B . 11.04 -6.94 -1.56
#